data_5N8W
#
_entry.id   5N8W
#
_cell.length_a   81.882
_cell.length_b   95.720
_cell.length_c   82.059
_cell.angle_alpha   90.00
_cell.angle_beta   90.00
_cell.angle_gamma   90.00
#
_symmetry.space_group_name_H-M   'C 2 2 21'
#
loop_
_entity.id
_entity.type
_entity.pdbx_description
1 polymer Streptavidin
2 polymer GLY-GLY-DTR-DHI-DAS-DGL-DAL-DTH-DTR-DLY
3 water water
#
loop_
_entity_poly.entity_id
_entity_poly.type
_entity_poly.pdbx_seq_one_letter_code
_entity_poly.pdbx_strand_id
1 'polypeptide(L)'
;MRKIVVAAIAVSLTTVSITASASADPSKDSKAQVSAAEAGITGTWYNQLGSTFIVTAGADGALTGTYESAVGNAESRYVL
TGRYDSAPATDGSGTALGWTVAWKNNYRNAHSATTWSGQYVGGAEARINTQWLLTSGTTEANAWKSTLVGHDTFTKVKPS
AASIDAAKKAGVNNGNPLDAVQQ
;
A,B
2 'polypeptide(D)' GG(DTR)(DHI)(DAS)(DGL)(DAL)(DTH)(DTR)(DLY)(DPR)GLY C,D
#
# COMPACT_ATOMS: atom_id res chain seq x y z
N GLY A 40 17.15 -8.22 5.16
CA GLY A 40 17.10 -8.93 3.84
C GLY A 40 16.25 -8.30 2.75
N ILE A 41 15.44 -7.31 3.12
CA ILE A 41 14.54 -6.68 2.17
C ILE A 41 15.25 -5.66 1.28
N THR A 42 16.23 -4.95 1.80
CA THR A 42 16.91 -3.93 1.01
C THR A 42 17.59 -4.56 -0.21
N GLY A 43 17.33 -3.98 -1.37
CA GLY A 43 17.93 -4.45 -2.62
C GLY A 43 16.96 -4.42 -3.76
N THR A 44 17.37 -5.02 -4.87
CA THR A 44 16.62 -4.99 -6.11
C THR A 44 15.84 -6.28 -6.26
N TRP A 45 14.53 -6.12 -6.46
CA TRP A 45 13.58 -7.21 -6.57
C TRP A 45 12.97 -7.22 -7.97
N TYR A 46 12.75 -8.42 -8.49
CA TYR A 46 12.28 -8.63 -9.84
CA TYR A 46 12.28 -8.63 -9.85
C TYR A 46 11.11 -9.59 -9.84
N ASN A 47 10.10 -9.34 -10.69
CA ASN A 47 9.19 -10.44 -11.04
C ASN A 47 9.66 -11.03 -12.39
N GLN A 48 8.92 -12.02 -12.92
CA GLN A 48 9.25 -12.65 -14.21
C GLN A 48 8.48 -12.01 -15.36
N LEU A 49 7.92 -10.83 -15.10
CA LEU A 49 6.99 -10.19 -16.02
C LEU A 49 7.44 -8.77 -16.33
N GLY A 50 8.75 -8.52 -16.21
CA GLY A 50 9.33 -7.27 -16.67
C GLY A 50 9.48 -6.16 -15.65
N SER A 51 9.17 -6.41 -14.38
CA SER A 51 9.23 -5.36 -13.36
C SER A 51 10.45 -5.46 -12.47
N THR A 52 10.94 -4.30 -12.05
CA THR A 52 12.06 -4.13 -11.15
C THR A 52 11.65 -3.13 -10.06
N PHE A 53 11.94 -3.45 -8.81
CA PHE A 53 11.74 -2.52 -7.69
C PHE A 53 13.03 -2.43 -6.90
N ILE A 54 13.58 -1.23 -6.73
CA ILE A 54 14.79 -1.04 -5.92
C ILE A 54 14.31 -0.53 -4.57
N VAL A 55 14.41 -1.39 -3.56
CA VAL A 55 13.74 -1.17 -2.28
C VAL A 55 14.78 -0.91 -1.19
N THR A 56 14.57 0.14 -0.40
CA THR A 56 15.34 0.38 0.81
C THR A 56 14.43 0.16 2.02
N ALA A 57 14.86 -0.71 2.91
CA ALA A 57 14.15 -0.98 4.16
C ALA A 57 14.89 -0.28 5.29
N GLY A 58 14.26 0.76 5.85
CA GLY A 58 14.86 1.55 6.91
C GLY A 58 14.70 0.88 8.26
N ALA A 59 15.56 1.25 9.20
CA ALA A 59 15.57 0.60 10.53
C ALA A 59 14.26 0.81 11.31
N ASP A 60 13.55 1.88 10.97
CA ASP A 60 12.28 2.28 11.58
C ASP A 60 11.02 1.63 11.00
N GLY A 61 11.15 0.73 10.02
CA GLY A 61 9.99 0.13 9.36
C GLY A 61 9.60 0.76 8.03
N ALA A 62 10.35 1.75 7.56
CA ALA A 62 10.03 2.42 6.31
C ALA A 62 10.48 1.60 5.11
N LEU A 63 9.63 1.51 4.09
CA LEU A 63 10.04 1.07 2.75
C LEU A 63 10.02 2.28 1.84
N THR A 64 11.11 2.49 1.11
CA THR A 64 11.22 3.53 0.10
C THR A 64 11.89 2.95 -1.13
N GLY A 65 11.82 3.66 -2.23
CA GLY A 65 12.51 3.21 -3.43
C GLY A 65 11.76 3.56 -4.68
N THR A 66 12.03 2.82 -5.74
CA THR A 66 11.45 3.10 -7.05
C THR A 66 11.07 1.81 -7.76
N TYR A 67 10.02 1.92 -8.57
CA TYR A 67 9.80 1.05 -9.71
C TYR A 67 10.68 1.54 -10.85
N GLU A 68 11.30 0.60 -11.56
CA GLU A 68 12.09 0.87 -12.77
C GLU A 68 11.65 -0.06 -13.91
N SER A 69 11.60 0.46 -15.12
CA SER A 69 11.38 -0.39 -16.29
C SER A 69 12.65 -1.15 -16.62
N ALA A 70 12.55 -2.09 -17.56
CA ALA A 70 13.71 -2.88 -17.94
C ALA A 70 14.82 -2.04 -18.55
N VAL A 71 14.48 -0.91 -19.17
CA VAL A 71 15.49 0.00 -19.72
C VAL A 71 15.91 1.12 -18.76
N GLY A 72 15.25 1.23 -17.62
CA GLY A 72 15.68 2.14 -16.56
C GLY A 72 15.51 3.61 -16.87
N ASN A 73 14.63 3.92 -17.82
CA ASN A 73 14.40 5.30 -18.27
C ASN A 73 13.59 6.10 -17.25
N ALA A 74 13.86 7.41 -17.16
CA ALA A 74 13.20 8.30 -16.20
C ALA A 74 11.69 8.37 -16.40
N GLU A 75 11.23 8.23 -17.64
CA GLU A 75 9.79 8.32 -17.93
C GLU A 75 9.00 7.19 -17.33
N SER A 76 9.67 6.07 -17.05
CA SER A 76 9.03 4.89 -16.46
C SER A 76 9.41 4.64 -15.01
N ARG A 77 10.03 5.63 -14.36
CA ARG A 77 10.46 5.50 -12.97
C ARG A 77 9.44 6.13 -12.04
N TYR A 78 9.04 5.40 -11.01
CA TYR A 78 8.02 5.90 -10.07
C TYR A 78 8.41 5.59 -8.64
N VAL A 79 7.99 6.47 -7.74
CA VAL A 79 8.25 6.32 -6.31
C VAL A 79 7.40 5.22 -5.69
N LEU A 80 8.02 4.40 -4.84
CA LEU A 80 7.28 3.50 -3.97
C LEU A 80 7.48 3.92 -2.53
N THR A 81 6.45 3.71 -1.71
CA THR A 81 6.60 3.88 -0.27
CA THR A 81 6.52 3.98 -0.28
C THR A 81 5.68 2.92 0.46
N GLY A 82 6.16 2.44 1.59
CA GLY A 82 5.40 1.51 2.39
C GLY A 82 6.02 1.27 3.73
N ARG A 83 5.65 0.14 4.33
CA ARG A 83 6.03 -0.20 5.69
C ARG A 83 6.29 -1.69 5.78
N TYR A 84 7.14 -2.08 6.72
CA TYR A 84 7.37 -3.49 7.00
C TYR A 84 7.57 -3.68 8.49
N ASP A 85 7.38 -4.91 8.96
CA ASP A 85 7.63 -5.28 10.35
C ASP A 85 9.14 -5.37 10.57
N SER A 86 9.68 -4.41 11.31
CA SER A 86 11.12 -4.33 11.55
C SER A 86 11.61 -5.20 12.71
N ALA A 87 10.70 -5.95 13.35
CA ALA A 87 11.08 -6.92 14.38
C ALA A 87 10.21 -8.17 14.24
N PRO A 88 10.41 -8.92 13.16
CA PRO A 88 9.56 -10.08 12.91
C PRO A 88 9.75 -11.19 13.93
N ALA A 89 8.80 -12.11 13.96
CA ALA A 89 8.88 -13.27 14.84
C ALA A 89 10.13 -14.08 14.50
N THR A 90 10.64 -14.78 15.51
CA THR A 90 11.87 -15.57 15.42
C THR A 90 11.58 -17.07 15.32
N ASP A 91 10.40 -17.43 14.83
CA ASP A 91 9.90 -18.81 14.80
C ASP A 91 9.83 -19.38 13.37
N GLY A 92 10.52 -18.74 12.43
CA GLY A 92 10.47 -19.14 11.02
C GLY A 92 9.40 -18.45 10.21
N SER A 93 8.65 -17.53 10.82
CA SER A 93 7.63 -16.78 10.11
C SER A 93 8.26 -15.73 9.19
N GLY A 94 7.54 -15.40 8.12
CA GLY A 94 7.94 -14.33 7.25
C GLY A 94 7.72 -12.96 7.86
N THR A 95 8.17 -11.96 7.13
CA THR A 95 8.11 -10.56 7.56
C THR A 95 7.01 -9.85 6.79
N ALA A 96 5.96 -9.43 7.49
CA ALA A 96 4.84 -8.74 6.87
C ALA A 96 5.24 -7.37 6.35
N LEU A 97 4.67 -6.99 5.21
CA LEU A 97 5.00 -5.72 4.58
C LEU A 97 3.90 -5.30 3.62
N GLY A 98 3.99 -4.06 3.18
CA GLY A 98 3.19 -3.57 2.08
C GLY A 98 3.77 -2.31 1.50
N TRP A 99 3.45 -2.02 0.25
CA TRP A 99 3.86 -0.75 -0.34
C TRP A 99 2.90 -0.33 -1.43
N THR A 100 3.01 0.95 -1.80
CA THR A 100 2.17 1.57 -2.81
C THR A 100 3.04 2.28 -3.83
N VAL A 101 2.63 2.23 -5.08
CA VAL A 101 3.10 3.14 -6.12
C VAL A 101 1.88 3.84 -6.70
N ALA A 102 1.88 5.18 -6.68
CA ALA A 102 0.95 5.95 -7.51
C ALA A 102 1.63 6.19 -8.85
N TRP A 103 0.92 5.87 -9.93
CA TRP A 103 1.51 5.87 -11.26
C TRP A 103 1.49 7.26 -11.90
N LYS A 104 2.16 8.18 -11.19
CA LYS A 104 2.40 9.55 -11.67
CA LYS A 104 2.39 9.54 -11.65
C LYS A 104 3.86 9.86 -11.43
N ASN A 105 4.51 10.39 -12.46
CA ASN A 105 5.83 10.98 -12.30
C ASN A 105 5.81 12.30 -13.10
N ASN A 106 6.97 12.88 -13.39
CA ASN A 106 7.00 14.16 -14.14
C ASN A 106 6.71 14.03 -15.63
N TYR A 107 6.56 12.80 -16.12
CA TYR A 107 6.36 12.52 -17.54
C TYR A 107 4.99 11.92 -17.86
N ARG A 108 4.50 11.04 -16.97
CA ARG A 108 3.31 10.24 -17.23
C ARG A 108 2.42 10.29 -16.02
N ASN A 109 1.12 10.17 -16.26
CA ASN A 109 0.17 9.98 -15.18
C ASN A 109 -0.95 9.06 -15.67
N ALA A 110 -0.97 7.85 -15.12
CA ALA A 110 -1.99 6.86 -15.44
C ALA A 110 -3.26 7.02 -14.62
N HIS A 111 -3.26 7.92 -13.64
CA HIS A 111 -4.41 8.12 -12.72
C HIS A 111 -4.80 6.81 -12.06
N SER A 112 -3.82 6.21 -11.41
CA SER A 112 -4.00 4.90 -10.80
C SER A 112 -2.92 4.68 -9.75
N ALA A 113 -3.12 3.67 -8.93
CA ALA A 113 -2.15 3.32 -7.89
C ALA A 113 -2.27 1.85 -7.58
N THR A 114 -1.13 1.19 -7.39
CA THR A 114 -1.09 -0.21 -6.98
C THR A 114 -0.58 -0.33 -5.57
N THR A 115 -1.21 -1.21 -4.79
CA THR A 115 -0.70 -1.60 -3.47
C THR A 115 -0.39 -3.07 -3.48
N TRP A 116 0.74 -3.43 -2.89
CA TRP A 116 1.16 -4.82 -2.71
C TRP A 116 1.15 -5.13 -1.23
N SER A 117 0.59 -6.28 -0.86
CA SER A 117 0.55 -6.76 0.50
C SER A 117 1.15 -8.16 0.55
N GLY A 118 2.09 -8.40 1.44
CA GLY A 118 2.69 -9.71 1.44
C GLY A 118 3.72 -9.90 2.51
N GLN A 119 4.59 -10.88 2.28
CA GLN A 119 5.66 -11.11 3.23
CA GLN A 119 5.64 -11.32 3.24
C GLN A 119 6.97 -11.46 2.53
N TYR A 120 8.03 -11.02 3.19
CA TYR A 120 9.39 -11.38 2.83
C TYR A 120 9.74 -12.69 3.53
N VAL A 121 10.33 -13.60 2.75
CA VAL A 121 10.77 -14.91 3.22
C VAL A 121 12.26 -14.99 2.90
N GLY A 122 13.08 -15.17 3.93
CA GLY A 122 14.54 -15.19 3.77
C GLY A 122 15.05 -16.57 3.43
N GLY A 123 16.35 -16.76 3.60
CA GLY A 123 17.00 -18.04 3.36
C GLY A 123 17.64 -18.14 1.99
N ALA A 124 17.81 -19.38 1.52
CA ALA A 124 18.58 -19.67 0.30
C ALA A 124 18.02 -19.03 -0.95
N GLU A 125 16.69 -19.06 -1.08
CA GLU A 125 15.98 -18.45 -2.20
C GLU A 125 14.96 -17.46 -1.68
N ALA A 126 15.47 -16.29 -1.30
CA ALA A 126 14.64 -15.26 -0.70
C ALA A 126 13.59 -14.78 -1.68
N ARG A 127 12.41 -14.46 -1.14
CA ARG A 127 11.26 -14.06 -1.96
C ARG A 127 10.49 -12.99 -1.24
N ILE A 128 9.79 -12.16 -2.01
CA ILE A 128 8.65 -11.41 -1.48
C ILE A 128 7.42 -11.93 -2.22
N ASN A 129 6.49 -12.51 -1.45
CA ASN A 129 5.27 -13.09 -1.99
C ASN A 129 4.12 -12.14 -1.68
N THR A 130 3.41 -11.70 -2.72
CA THR A 130 2.41 -10.63 -2.56
C THR A 130 1.12 -10.90 -3.29
N GLN A 131 0.10 -10.21 -2.80
CA GLN A 131 -1.09 -9.98 -3.58
CA GLN A 131 -1.18 -9.96 -3.48
C GLN A 131 -1.23 -8.48 -3.76
N TRP A 132 -1.80 -8.05 -4.89
CA TRP A 132 -1.89 -6.64 -5.20
C TRP A 132 -3.31 -6.23 -5.53
N LEU A 133 -3.55 -4.93 -5.35
CA LEU A 133 -4.77 -4.24 -5.77
C LEU A 133 -4.35 -3.04 -6.61
N LEU A 134 -4.96 -2.88 -7.78
CA LEU A 134 -4.73 -1.73 -8.65
C LEU A 134 -6.02 -0.96 -8.75
N THR A 135 -6.05 0.24 -8.17
CA THR A 135 -7.21 1.10 -8.26
C THR A 135 -6.94 2.23 -9.24
N SER A 136 -7.88 2.41 -10.17
CA SER A 136 -7.86 3.52 -11.11
CA SER A 136 -7.86 3.52 -11.11
C SER A 136 -8.84 4.59 -10.68
N GLY A 137 -8.49 5.86 -10.91
CA GLY A 137 -9.42 6.96 -10.68
C GLY A 137 -10.54 6.87 -11.70
N THR A 138 -11.80 6.86 -11.24
CA THR A 138 -12.95 6.69 -12.13
C THR A 138 -14.04 7.66 -11.75
N THR A 139 -15.02 7.78 -12.63
CA THR A 139 -16.25 8.47 -12.28
C THR A 139 -17.01 7.63 -11.27
N GLU A 140 -18.01 8.24 -10.63
CA GLU A 140 -18.83 7.52 -9.66
C GLU A 140 -19.54 6.32 -10.28
N ALA A 141 -20.01 6.48 -11.52
CA ALA A 141 -20.71 5.40 -12.23
C ALA A 141 -19.84 4.18 -12.49
N ASN A 142 -18.52 4.39 -12.62
CA ASN A 142 -17.59 3.30 -12.90
C ASN A 142 -16.80 2.86 -11.67
N ALA A 143 -17.08 3.41 -10.50
CA ALA A 143 -16.29 3.12 -9.31
C ALA A 143 -16.37 1.64 -8.90
N TRP A 144 -17.48 0.98 -9.18
CA TRP A 144 -17.63 -0.42 -8.83
C TRP A 144 -16.58 -1.30 -9.49
N LYS A 145 -16.08 -0.88 -10.66
CA LYS A 145 -15.11 -1.64 -11.44
C LYS A 145 -13.74 -0.97 -11.45
N SER A 146 -13.43 -0.25 -10.38
CA SER A 146 -12.18 0.50 -10.32
C SER A 146 -10.99 -0.26 -9.76
N THR A 147 -11.20 -1.47 -9.21
CA THR A 147 -10.10 -2.16 -8.52
C THR A 147 -9.90 -3.58 -9.02
N LEU A 148 -8.73 -3.79 -9.62
CA LEU A 148 -8.25 -5.08 -10.07
C LEU A 148 -7.44 -5.75 -8.97
N VAL A 149 -7.44 -7.09 -8.97
CA VAL A 149 -6.68 -7.88 -8.01
C VAL A 149 -5.77 -8.84 -8.77
N GLY A 150 -4.63 -9.12 -8.15
CA GLY A 150 -3.70 -10.11 -8.69
C GLY A 150 -2.63 -10.43 -7.68
N HIS A 151 -1.55 -11.02 -8.16
CA HIS A 151 -0.46 -11.46 -7.30
C HIS A 151 0.87 -11.25 -8.00
N ASP A 152 1.92 -11.06 -7.20
CA ASP A 152 3.29 -10.97 -7.70
C ASP A 152 4.21 -11.75 -6.76
N THR A 153 5.17 -12.43 -7.37
CA THR A 153 6.24 -13.09 -6.64
C THR A 153 7.56 -12.46 -7.08
N PHE A 154 8.33 -12.00 -6.10
CA PHE A 154 9.58 -11.28 -6.38
C PHE A 154 10.78 -12.06 -5.89
N THR A 155 11.87 -11.96 -6.67
CA THR A 155 13.14 -12.59 -6.39
CA THR A 155 13.16 -12.58 -6.33
C THR A 155 14.24 -11.52 -6.50
N LYS A 156 15.39 -11.77 -5.86
CA LYS A 156 16.58 -10.90 -5.96
CA LYS A 156 16.53 -10.87 -6.00
C LYS A 156 17.43 -11.22 -7.18
N VAL A 157 17.07 -12.25 -7.93
CA VAL A 157 17.86 -12.70 -9.07
C VAL A 157 17.26 -12.16 -10.35
N LYS A 158 18.01 -11.32 -11.06
CA LYS A 158 17.50 -10.76 -12.31
C LYS A 158 17.25 -11.88 -13.33
N PRO A 159 16.06 -11.89 -13.96
CA PRO A 159 15.81 -12.83 -15.05
C PRO A 159 16.79 -12.66 -16.22
N SER A 160 17.04 -13.75 -16.93
CA SER A 160 17.94 -13.74 -18.10
C SER A 160 17.36 -12.92 -19.25
N ALA B 39 -5.89 19.13 -2.79
CA ALA B 39 -6.22 17.68 -2.96
C ALA B 39 -7.41 17.19 -2.13
N GLY B 40 -7.68 17.85 -0.99
CA GLY B 40 -8.82 17.53 -0.12
C GLY B 40 -8.63 16.32 0.81
N ILE B 41 -7.43 15.76 0.79
CA ILE B 41 -7.14 14.51 1.46
C ILE B 41 -6.57 14.74 2.87
N THR B 42 -5.77 15.78 3.05
CA THR B 42 -5.23 16.07 4.37
C THR B 42 -6.35 16.30 5.36
N GLY B 43 -6.25 15.61 6.50
CA GLY B 43 -7.23 15.76 7.57
C GLY B 43 -7.44 14.45 8.29
N THR B 44 -8.44 14.44 9.17
CA THR B 44 -8.78 13.27 9.95
C THR B 44 -9.89 12.52 9.24
N TRP B 45 -9.75 11.21 9.16
CA TRP B 45 -10.72 10.36 8.46
C TRP B 45 -11.14 9.24 9.40
N TYR B 46 -12.42 8.87 9.28
CA TYR B 46 -13.03 7.82 10.11
CA TYR B 46 -13.02 7.81 10.10
C TYR B 46 -13.55 6.72 9.20
N ASN B 47 -13.28 5.46 9.53
CA ASN B 47 -13.98 4.39 8.81
C ASN B 47 -15.34 4.21 9.46
N GLN B 48 -16.07 3.18 9.04
CA GLN B 48 -17.43 3.01 9.55
C GLN B 48 -17.51 2.12 10.79
N LEU B 49 -16.35 1.75 11.35
CA LEU B 49 -16.23 0.69 12.34
C LEU B 49 -15.25 1.03 13.48
N GLY B 50 -15.13 2.31 13.80
CA GLY B 50 -14.38 2.75 14.98
C GLY B 50 -12.92 3.06 14.82
N SER B 51 -12.44 3.22 13.57
CA SER B 51 -11.05 3.59 13.32
C SER B 51 -10.91 5.05 12.93
N THR B 52 -9.75 5.63 13.28
CA THR B 52 -9.39 7.00 12.96
C THR B 52 -8.02 6.98 12.30
N PHE B 53 -7.89 7.73 11.21
CA PHE B 53 -6.60 7.95 10.56
C PHE B 53 -6.35 9.45 10.41
N ILE B 54 -5.14 9.86 10.75
CA ILE B 54 -4.70 11.23 10.58
C ILE B 54 -3.82 11.23 9.35
N VAL B 55 -4.23 11.93 8.30
CA VAL B 55 -3.57 11.84 7.01
C VAL B 55 -3.05 13.21 6.59
N THR B 56 -1.85 13.22 6.03
CA THR B 56 -1.28 14.38 5.35
C THR B 56 -0.93 14.00 3.92
N ALA B 57 -1.43 14.78 2.97
CA ALA B 57 -1.16 14.59 1.56
C ALA B 57 -0.16 15.66 1.12
N GLY B 58 1.06 15.24 0.82
CA GLY B 58 2.13 16.16 0.40
C GLY B 58 2.03 16.54 -1.06
N ALA B 59 2.62 17.68 -1.42
CA ALA B 59 2.52 18.18 -2.80
C ALA B 59 3.11 17.23 -3.87
N ASP B 60 4.03 16.38 -3.43
CA ASP B 60 4.76 15.43 -4.28
C ASP B 60 4.06 14.07 -4.49
N GLY B 61 2.88 13.86 -3.89
CA GLY B 61 2.23 12.56 -3.94
C GLY B 61 2.38 11.71 -2.70
N ALA B 62 3.05 12.21 -1.67
CA ALA B 62 3.24 11.43 -0.44
C ALA B 62 2.01 11.44 0.44
N LEU B 63 1.64 10.27 0.96
CA LEU B 63 0.71 10.16 2.09
C LEU B 63 1.51 9.78 3.32
N THR B 64 1.31 10.52 4.40
CA THR B 64 1.92 10.22 5.69
C THR B 64 0.86 10.41 6.77
N GLY B 65 1.13 9.88 7.94
CA GLY B 65 0.27 10.09 9.09
C GLY B 65 0.23 8.90 10.00
N THR B 66 -0.88 8.72 10.71
CA THR B 66 -1.00 7.68 11.71
C THR B 66 -2.41 7.09 11.73
N TYR B 67 -2.48 5.83 12.13
CA TYR B 67 -3.67 5.26 12.75
C TYR B 67 -3.69 5.70 14.21
N GLU B 68 -4.87 6.06 14.70
CA GLU B 68 -5.09 6.39 16.11
C GLU B 68 -6.26 5.59 16.62
N SER B 69 -6.18 5.11 17.85
CA SER B 69 -7.35 4.53 18.51
C SER B 69 -8.35 5.62 18.85
N ALA B 70 -9.53 5.20 19.28
CA ALA B 70 -10.56 6.14 19.73
C ALA B 70 -10.10 6.96 20.94
N VAL B 71 -9.18 6.41 21.72
CA VAL B 71 -8.58 7.10 22.87
C VAL B 71 -7.43 8.03 22.48
N GLY B 72 -6.77 7.75 21.36
CA GLY B 72 -5.66 8.58 20.88
C GLY B 72 -4.35 8.38 21.64
N ASN B 73 -4.23 7.26 22.35
CA ASN B 73 -3.04 6.97 23.15
C ASN B 73 -1.88 6.43 22.30
N ALA B 74 -0.65 6.65 22.79
CA ALA B 74 0.56 6.26 22.07
C ALA B 74 0.66 4.75 21.83
N GLU B 75 0.11 3.95 22.76
CA GLU B 75 0.23 2.49 22.64
C GLU B 75 -0.48 1.94 21.42
N SER B 76 -1.52 2.65 20.96
CA SER B 76 -2.31 2.24 19.81
C SER B 76 -2.05 3.05 18.54
N ARG B 77 -0.98 3.84 18.53
CA ARG B 77 -0.65 4.71 17.40
C ARG B 77 0.35 4.03 16.48
N TYR B 78 0.06 4.02 15.18
CA TYR B 78 0.95 3.37 14.20
C TYR B 78 1.12 4.24 12.98
N VAL B 79 2.31 4.20 12.39
CA VAL B 79 2.64 4.99 11.21
C VAL B 79 1.93 4.45 9.96
N LEU B 80 1.38 5.37 9.16
CA LEU B 80 0.94 5.03 7.82
C LEU B 80 1.80 5.75 6.80
N THR B 81 2.04 5.10 5.67
CA THR B 81 2.72 5.75 4.56
CA THR B 81 2.74 5.73 4.56
C THR B 81 2.15 5.22 3.25
N GLY B 82 2.04 6.09 2.26
CA GLY B 82 1.53 5.70 0.97
C GLY B 82 1.72 6.77 -0.06
N ARG B 83 0.93 6.68 -1.13
CA ARG B 83 1.05 7.56 -2.28
C ARG B 83 -0.33 7.87 -2.83
N TYR B 84 -0.46 9.03 -3.45
CA TYR B 84 -1.71 9.39 -4.13
C TYR B 84 -1.37 10.13 -5.42
N ASP B 85 -2.34 10.14 -6.34
CA ASP B 85 -2.23 10.89 -7.58
C ASP B 85 -2.41 12.39 -7.29
N SER B 86 -1.30 13.14 -7.38
CA SER B 86 -1.31 14.57 -7.06
C SER B 86 -1.77 15.47 -8.20
N ALA B 87 -2.14 14.88 -9.34
CA ALA B 87 -2.70 15.64 -10.46
C ALA B 87 -3.83 14.82 -11.11
N PRO B 88 -4.93 14.62 -10.37
CA PRO B 88 -6.01 13.78 -10.90
C PRO B 88 -6.69 14.38 -12.13
N ALA B 89 -7.42 13.54 -12.83
CA ALA B 89 -8.19 13.98 -13.98
C ALA B 89 -9.22 15.02 -13.54
N THR B 90 -9.57 15.91 -14.46
CA THR B 90 -10.52 17.00 -14.22
C THR B 90 -11.85 16.72 -14.93
N ASP B 91 -12.27 15.45 -14.93
CA ASP B 91 -13.47 14.99 -15.64
C ASP B 91 -14.50 14.36 -14.69
N GLY B 92 -14.36 14.65 -13.39
CA GLY B 92 -15.22 14.06 -12.36
C GLY B 92 -14.70 12.76 -11.78
N SER B 93 -13.51 12.34 -12.19
CA SER B 93 -12.92 11.11 -11.68
C SER B 93 -12.36 11.31 -10.27
N GLY B 94 -12.36 10.24 -9.50
CA GLY B 94 -11.71 10.23 -8.19
C GLY B 94 -10.19 10.24 -8.29
N THR B 95 -9.57 10.35 -7.12
CA THR B 95 -8.13 10.43 -6.98
C THR B 95 -7.61 9.10 -6.46
N ALA B 96 -6.86 8.39 -7.29
CA ALA B 96 -6.32 7.08 -6.90
C ALA B 96 -5.26 7.22 -5.81
N LEU B 97 -5.25 6.26 -4.89
CA LEU B 97 -4.32 6.30 -3.78
C LEU B 97 -4.15 4.91 -3.18
N GLY B 98 -3.17 4.82 -2.29
CA GLY B 98 -3.01 3.64 -1.45
C GLY B 98 -2.11 3.94 -0.28
N TRP B 99 -2.24 3.17 0.79
CA TRP B 99 -1.31 3.30 1.91
C TRP B 99 -1.19 2.01 2.67
N THR B 100 -0.16 1.94 3.50
CA THR B 100 0.17 0.77 4.31
C THR B 100 0.36 1.19 5.76
N VAL B 101 -0.10 0.33 6.68
CA VAL B 101 0.31 0.37 8.08
C VAL B 101 0.88 -1.00 8.41
N ALA B 102 2.13 -1.02 8.89
CA ALA B 102 2.67 -2.22 9.56
C ALA B 102 2.33 -2.09 11.04
N TRP B 103 1.75 -3.13 11.60
CA TRP B 103 1.19 -3.09 12.96
C TRP B 103 2.27 -3.37 14.01
N LYS B 104 3.30 -2.54 13.96
CA LYS B 104 4.37 -2.51 14.96
CA LYS B 104 4.38 -2.52 14.95
C LYS B 104 4.58 -1.08 15.39
N ASN B 105 4.63 -0.87 16.70
CA ASN B 105 5.10 0.40 17.25
C ASN B 105 6.02 0.06 18.42
N ASN B 106 6.36 1.03 19.28
CA ASN B 106 7.29 0.74 20.37
C ASN B 106 6.65 -0.06 21.52
N TYR B 107 5.33 -0.26 21.45
CA TYR B 107 4.57 -0.92 22.51
C TYR B 107 4.07 -2.32 22.14
N ARG B 108 3.77 -2.54 20.86
CA ARG B 108 3.02 -3.72 20.39
C ARG B 108 3.57 -4.12 19.03
N ASN B 109 3.48 -5.41 18.71
CA ASN B 109 3.81 -5.90 17.37
C ASN B 109 2.92 -7.09 17.05
N ALA B 110 2.01 -6.88 16.10
CA ALA B 110 1.10 -7.92 15.64
C ALA B 110 1.69 -8.80 14.55
N HIS B 111 2.88 -8.45 14.06
CA HIS B 111 3.51 -9.17 12.93
C HIS B 111 2.57 -9.26 11.74
N SER B 112 2.11 -8.09 11.31
CA SER B 112 1.15 -8.00 10.24
C SER B 112 1.16 -6.60 9.66
N ALA B 113 0.56 -6.45 8.48
CA ALA B 113 0.49 -5.16 7.82
C ALA B 113 -0.75 -5.12 6.95
N THR B 114 -1.44 -3.97 6.95
CA THR B 114 -2.60 -3.75 6.09
C THR B 114 -2.27 -2.76 5.02
N THR B 115 -2.72 -3.04 3.79
CA THR B 115 -2.68 -2.07 2.70
C THR B 115 -4.11 -1.75 2.28
N TRP B 116 -4.36 -0.46 2.04
CA TRP B 116 -5.62 0.02 1.50
C TRP B 116 -5.38 0.58 0.12
N SER B 117 -6.26 0.23 -0.82
CA SER B 117 -6.23 0.70 -2.19
C SER B 117 -7.58 1.31 -2.52
N GLY B 118 -7.61 2.52 -3.06
CA GLY B 118 -8.90 3.10 -3.37
C GLY B 118 -8.81 4.45 -4.00
N GLN B 119 -9.91 5.19 -3.89
CA GLN B 119 -9.90 6.54 -4.41
CA GLN B 119 -10.09 6.51 -4.51
C GLN B 119 -10.66 7.49 -3.50
N TYR B 120 -10.13 8.71 -3.47
CA TYR B 120 -10.76 9.83 -2.80
C TYR B 120 -11.75 10.49 -3.76
N VAL B 121 -12.92 10.81 -3.24
CA VAL B 121 -13.98 11.52 -3.94
C VAL B 121 -14.31 12.73 -3.08
N GLY B 122 -14.15 13.93 -3.65
CA GLY B 122 -14.39 15.16 -2.91
C GLY B 122 -15.85 15.58 -2.87
N GLY B 123 -16.08 16.77 -2.33
CA GLY B 123 -17.41 17.38 -2.29
C GLY B 123 -18.04 17.32 -0.91
N ALA B 124 -19.33 17.62 -0.86
CA ALA B 124 -20.07 17.70 0.40
C ALA B 124 -20.10 16.37 1.16
N GLU B 125 -20.13 15.27 0.42
CA GLU B 125 -20.13 13.92 0.96
C GLU B 125 -18.79 13.27 0.60
N ALA B 126 -17.69 13.91 0.99
CA ALA B 126 -16.36 13.42 0.64
C ALA B 126 -16.11 12.06 1.26
N ARG B 127 -15.40 11.21 0.51
CA ARG B 127 -15.19 9.80 0.87
CA ARG B 127 -15.11 9.89 1.00
C ARG B 127 -13.82 9.36 0.43
N ILE B 128 -13.27 8.37 1.12
CA ILE B 128 -12.23 7.54 0.52
C ILE B 128 -12.82 6.13 0.51
N ASN B 129 -13.03 5.60 -0.70
CA ASN B 129 -13.59 4.26 -0.88
C ASN B 129 -12.44 3.31 -1.12
N THR B 130 -12.30 2.27 -0.28
CA THR B 130 -11.13 1.40 -0.35
C THR B 130 -11.46 -0.08 -0.24
N GLN B 131 -10.53 -0.86 -0.74
CA GLN B 131 -10.40 -2.31 -0.51
CA GLN B 131 -10.46 -2.26 -0.41
C GLN B 131 -9.09 -2.49 0.24
N TRP B 132 -9.03 -3.44 1.16
CA TRP B 132 -7.81 -3.69 1.91
C TRP B 132 -7.39 -5.14 1.86
N LEU B 133 -6.09 -5.33 2.08
CA LEU B 133 -5.47 -6.64 2.27
C LEU B 133 -4.70 -6.58 3.58
N LEU B 134 -4.87 -7.59 4.43
CA LEU B 134 -4.15 -7.72 5.69
C LEU B 134 -3.31 -8.98 5.60
N THR B 135 -2.00 -8.81 5.53
CA THR B 135 -1.08 -9.95 5.52
C THR B 135 -0.41 -10.09 6.86
N SER B 136 -0.44 -11.31 7.39
CA SER B 136 0.23 -11.66 8.63
CA SER B 136 0.24 -11.65 8.64
C SER B 136 1.50 -12.45 8.30
N GLY B 137 2.54 -12.25 9.09
CA GLY B 137 3.75 -13.06 8.96
C GLY B 137 3.43 -14.49 9.38
N THR B 138 3.72 -15.45 8.51
CA THR B 138 3.40 -16.86 8.78
C THR B 138 4.57 -17.75 8.42
N THR B 139 4.50 -18.99 8.88
CA THR B 139 5.39 -20.02 8.40
C THR B 139 5.08 -20.30 6.93
N GLU B 140 6.00 -20.96 6.25
CA GLU B 140 5.77 -21.31 4.84
C GLU B 140 4.53 -22.20 4.66
N ALA B 141 4.32 -23.13 5.60
CA ALA B 141 3.16 -24.04 5.55
C ALA B 141 1.82 -23.30 5.66
N ASN B 142 1.81 -22.16 6.34
CA ASN B 142 0.58 -21.39 6.53
C ASN B 142 0.48 -20.18 5.61
N ALA B 143 1.44 -20.00 4.70
CA ALA B 143 1.45 -18.82 3.84
C ALA B 143 0.20 -18.70 2.97
N TRP B 144 -0.38 -19.83 2.57
CA TRP B 144 -1.57 -19.80 1.73
C TRP B 144 -2.73 -19.05 2.38
N LYS B 145 -2.77 -19.02 3.72
CA LYS B 145 -3.85 -18.39 4.48
C LYS B 145 -3.35 -17.14 5.21
N SER B 146 -2.34 -16.49 4.65
CA SER B 146 -1.76 -15.31 5.29
C SER B 146 -2.42 -13.98 4.97
N THR B 147 -3.35 -13.93 4.00
CA THR B 147 -3.87 -12.66 3.53
C THR B 147 -5.40 -12.62 3.53
N LEU B 148 -5.92 -11.75 4.38
CA LEU B 148 -7.35 -11.44 4.45
C LEU B 148 -7.68 -10.27 3.54
N VAL B 149 -8.91 -10.25 3.04
CA VAL B 149 -9.41 -9.16 2.19
C VAL B 149 -10.67 -8.56 2.80
N GLY B 150 -10.85 -7.27 2.59
CA GLY B 150 -12.05 -6.59 3.02
C GLY B 150 -12.15 -5.22 2.39
N HIS B 151 -13.00 -4.38 2.98
CA HIS B 151 -13.21 -3.04 2.47
C HIS B 151 -13.42 -2.07 3.62
N ASP B 152 -13.10 -0.81 3.36
CA ASP B 152 -13.36 0.28 4.30
C ASP B 152 -13.86 1.48 3.51
N THR B 153 -14.79 2.21 4.14
CA THR B 153 -15.25 3.48 3.60
C THR B 153 -14.91 4.55 4.64
N PHE B 154 -14.17 5.57 4.21
CA PHE B 154 -13.73 6.64 5.09
C PHE B 154 -14.53 7.90 4.83
N THR B 155 -14.95 8.55 5.92
CA THR B 155 -15.70 9.80 5.87
C THR B 155 -15.04 10.81 6.80
N LYS B 156 -15.37 12.07 6.60
CA LYS B 156 -14.80 13.15 7.43
C LYS B 156 -15.47 13.32 8.78
N VAL B 157 -16.60 12.66 8.99
CA VAL B 157 -17.27 12.69 10.30
C VAL B 157 -17.61 11.26 10.67
N LYS B 158 -18.02 11.07 11.92
CA LYS B 158 -18.38 9.76 12.45
CA LYS B 158 -18.32 9.72 12.36
C LYS B 158 -19.62 9.21 11.74
N PRO B 159 -19.78 7.87 11.68
CA PRO B 159 -21.06 7.31 11.20
C PRO B 159 -22.26 7.80 12.02
N GLY C 1 -12.94 -3.94 16.85
CA GLY C 1 -12.91 -2.45 16.94
C GLY C 1 -11.92 -1.78 15.99
N GLY C 2 -11.34 -0.69 16.46
CA GLY C 2 -10.41 0.09 15.66
C GLY C 2 -9.20 -0.70 15.23
N DTR C 3 -8.83 -0.52 13.97
CA DTR C 3 -7.59 -1.10 13.48
CB DTR C 3 -7.26 -0.57 12.09
CG DTR C 3 -8.02 -1.05 10.90
CD1 DTR C 3 -9.01 -0.39 10.19
NE1 DTR C 3 -9.42 -1.12 9.10
CE2 DTR C 3 -8.71 -2.26 9.04
CZ2 DTR C 3 -8.71 -3.32 8.14
CH2 DTR C 3 -7.86 -4.40 8.34
CZ3 DTR C 3 -6.97 -4.42 9.41
CE3 DTR C 3 -6.92 -3.37 10.33
CD2 DTR C 3 -7.77 -2.29 10.15
C DTR C 3 -7.58 -2.61 13.53
O DTR C 3 -6.51 -3.21 13.66
N DHI C 4 -8.76 -3.22 13.45
CA DHI C 4 -8.87 -4.67 13.49
C DHI C 4 -8.20 -5.25 14.72
O DHI C 4 -7.52 -6.29 14.65
CB DHI C 4 -10.35 -5.07 13.50
CG DHI C 4 -11.12 -4.59 12.29
ND1 DHI C 4 -12.45 -4.41 12.30
CD2 DHI C 4 -10.65 -4.26 11.04
CE1 DHI C 4 -12.82 -3.99 11.08
NE2 DHI C 4 -11.73 -3.89 10.29
N DAS C 5 -8.38 -4.58 15.86
CA DAS C 5 -7.79 -5.02 17.12
C DAS C 5 -6.28 -4.92 17.14
O DAS C 5 -5.60 -5.79 17.69
CB DAS C 5 -8.35 -4.20 18.29
CG DAS C 5 -9.83 -4.40 18.52
OD1 DAS C 5 -10.42 -3.57 19.25
OD2 DAS C 5 -10.40 -5.37 17.99
N DGL C 6 -5.74 -3.88 16.52
CA DGL C 6 -4.29 -3.69 16.47
C DGL C 6 -3.66 -4.69 15.53
O DGL C 6 -2.58 -5.21 15.83
CB DGL C 6 -3.94 -2.27 16.04
CG DGL C 6 -4.57 -1.17 16.90
CD DGL C 6 -4.18 -1.21 18.37
OE1 DGL C 6 -4.95 -0.68 19.19
OE2 DGL C 6 -3.09 -1.71 18.73
N DAL C 7 -4.32 -4.97 14.40
CA DAL C 7 -3.74 -5.85 13.38
CB DAL C 7 -4.54 -5.73 12.09
C DAL C 7 -3.66 -7.29 13.78
O DAL C 7 -2.94 -8.07 13.14
N DTH C 8 -4.41 -7.67 14.82
CA DTH C 8 -4.44 -9.05 15.32
CB DTH C 8 -5.86 -9.62 15.17
CG2 DTH C 8 -6.22 -9.73 13.70
OG1 DTH C 8 -6.81 -8.80 15.88
C DTH C 8 -3.98 -9.14 16.77
O DTH C 8 -4.22 -10.15 17.43
N DTR C 9 -3.29 -8.10 17.24
CA DTR C 9 -2.79 -8.06 18.61
CB DTR C 9 -2.09 -6.70 18.81
CG DTR C 9 -1.62 -6.51 20.22
CD1 DTR C 9 -2.32 -5.95 21.29
NE1 DTR C 9 -1.54 -5.97 22.42
CE2 DTR C 9 -0.33 -6.52 22.17
CZ2 DTR C 9 0.80 -6.77 22.92
CH2 DTR C 9 1.92 -7.36 22.33
CZ3 DTR C 9 1.93 -7.72 20.98
CE3 DTR C 9 0.81 -7.49 20.18
CD2 DTR C 9 -0.31 -6.90 20.75
C DTR C 9 -1.84 -9.21 18.89
O DTR C 9 -0.97 -9.52 18.07
N DLY C 10 -2.01 -9.87 20.02
CA DLY C 10 -1.12 -10.98 20.43
C DLY C 10 -0.61 -10.74 21.82
O DLY C 10 -1.31 -10.19 22.66
CB DLY C 10 -1.86 -12.31 20.40
CG DLY C 10 -2.34 -12.66 18.99
CD DLY C 10 -2.23 -14.14 18.65
CE DLY C 10 -1.00 -14.42 17.79
NZ DLY C 10 -1.28 -14.10 16.41
N GLY D 1 3.80 -5.85 -19.94
CA GLY D 1 5.18 -5.78 -19.39
C GLY D 1 5.31 -5.22 -17.99
N GLY D 2 6.42 -4.54 -17.77
CA GLY D 2 6.74 -4.02 -16.46
C GLY D 2 5.71 -3.04 -15.95
N DTR D 3 5.38 -3.16 -14.68
CA DTR D 3 4.52 -2.17 -14.04
CB DTR D 3 4.49 -2.41 -12.54
CG DTR D 3 3.72 -3.55 -11.96
CD1 DTR D 3 4.19 -4.74 -11.43
NE1 DTR D 3 3.18 -5.49 -10.92
CE2 DTR D 3 2.00 -4.85 -11.05
CZ2 DTR D 3 0.72 -5.17 -10.67
CH2 DTR D 3 -0.31 -4.28 -10.96
CZ3 DTR D 3 -0.06 -3.06 -11.59
CE3 DTR D 3 1.22 -2.70 -11.97
CD2 DTR D 3 2.27 -3.58 -11.71
C DTR D 3 3.15 -2.13 -14.63
O DTR D 3 2.50 -1.09 -14.60
N DHI D 4 2.69 -3.25 -15.21
CA DHI D 4 1.37 -3.32 -15.84
C DHI D 4 1.20 -2.23 -16.88
O DHI D 4 0.13 -1.60 -16.98
CB DHI D 4 1.22 -4.68 -16.53
CG DHI D 4 1.33 -5.87 -15.60
ND1 DHI D 4 1.59 -7.12 -16.02
CD2 DHI D 4 1.17 -5.92 -14.22
CE1 DHI D 4 1.60 -7.94 -14.95
NE2 DHI D 4 1.35 -7.21 -13.84
N DAS D 5 2.26 -1.98 -17.66
CA DAS D 5 2.23 -0.98 -18.72
C DAS D 5 2.16 0.43 -18.18
O DAS D 5 1.50 1.30 -18.75
CB DAS D 5 3.49 -1.09 -19.59
CG DAS D 5 3.59 -2.39 -20.36
OD1 DAS D 5 2.58 -3.10 -20.49
OD2 DAS D 5 4.69 -2.68 -20.89
N DGL D 6 2.80 0.68 -17.05
CA DGL D 6 2.78 2.00 -16.44
C DGL D 6 1.45 2.27 -15.77
O DGL D 6 0.92 3.38 -15.85
CB DGL D 6 3.90 2.15 -15.42
CG DGL D 6 5.29 1.84 -15.97
CD DGL D 6 5.71 2.71 -17.14
OE1 DGL D 6 5.30 3.89 -17.23
OE2 DGL D 6 6.52 2.22 -17.97
N DAL D 7 0.87 1.26 -15.12
CA DAL D 7 -0.36 1.45 -14.36
CB DAL D 7 -0.60 0.22 -13.48
C DAL D 7 -1.57 1.68 -15.21
O DAL D 7 -2.58 2.18 -14.72
N DTH D 8 -1.49 1.33 -16.50
CA DTH D 8 -2.57 1.54 -17.46
CB DTH D 8 -2.97 0.18 -18.06
CG2 DTH D 8 -3.54 -0.72 -16.98
OG1 DTH D 8 -1.84 -0.46 -18.69
C DTH D 8 -2.17 2.50 -18.57
O DTH D 8 -2.85 2.58 -19.59
N DTR D 9 -1.11 3.27 -18.37
CA DTR D 9 -0.61 4.17 -19.41
CB DTR D 9 0.69 4.80 -18.92
CG DTR D 9 1.31 5.73 -19.92
CD1 DTR D 9 2.22 5.42 -20.94
NE1 DTR D 9 2.53 6.55 -21.64
CE2 DTR D 9 1.89 7.61 -21.13
CZ2 DTR D 9 1.88 8.96 -21.46
CH2 DTR D 9 1.09 9.84 -20.73
CZ3 DTR D 9 0.30 9.39 -19.66
CE3 DTR D 9 0.29 8.05 -19.29
CD2 DTR D 9 1.08 7.16 -20.01
C DTR D 9 -1.62 5.25 -19.72
O DTR D 9 -2.26 5.81 -18.82
N DLY D 10 -1.77 5.56 -21.00
CA DLY D 10 -2.59 6.69 -21.45
C DLY D 10 -1.89 7.28 -22.65
O DLY D 10 -1.27 6.55 -23.44
CB DLY D 10 -3.99 6.25 -21.86
CG DLY D 10 -4.85 5.73 -20.71
CD DLY D 10 -6.24 5.39 -21.21
CE DLY D 10 -7.15 4.85 -20.11
NZ DLY D 10 -8.49 4.69 -20.65
N DPR D 11 -2.00 8.59 -22.85
CA DPR D 11 -1.52 9.18 -24.10
CB DPR D 11 -1.64 10.69 -23.92
CG DPR D 11 -2.30 10.95 -22.59
CD DPR D 11 -2.56 9.60 -21.97
C DPR D 11 -2.32 8.69 -25.28
O DPR D 11 -3.51 8.38 -25.13
N GLY D 12 -1.67 8.57 -26.43
CA GLY D 12 -2.36 8.27 -27.68
C GLY D 12 -3.18 9.47 -28.17
#